data_6VJO
#
_entry.id   6VJO
#
_cell.length_a   48.345
_cell.length_b   48.345
_cell.length_c   134.546
_cell.angle_alpha   90.000
_cell.angle_beta   90.000
_cell.angle_gamma   120.000
#
_symmetry.space_group_name_H-M   'H 3'
#
loop_
_entity.id
_entity.type
_entity.pdbx_description
1 polymer 'Fusion glycoprotein F0'
2 polymer 'Fusion glycoprotein F0'
3 water water
#
loop_
_entity_poly.entity_id
_entity_poly.type
_entity_poly.pdbx_seq_one_letter_code
_entity_poly.pdbx_strand_id
1 'polypeptide(L)' (ACE)VALDPIDIS(XCP)VLN(XPC)IK(XCP)DLE(B3E)SK(B3E)WIR(XPC)SN(XCP)KLD(XCP)I(NH2) A
2 'polypeptide(L)' (ACE)QARSDIEKLKEAIRDTNKAVQSVQSSIGNLIVAIKSVQDYVNKEIVPSIAR(NH2) B
#
# COMPACT_ATOMS: atom_id res chain seq x y z
N VAL A 2 1.65 -4.31 32.78
CA VAL A 2 2.06 -3.12 33.51
C VAL A 2 2.87 -2.20 32.62
N ALA A 3 3.64 -2.78 31.69
CA ALA A 3 4.43 -2.01 30.74
C ALA A 3 3.96 -2.28 29.32
N LEU A 4 2.66 -2.14 29.10
CA LEU A 4 2.02 -2.48 27.83
C LEU A 4 1.60 -1.18 27.14
N ASP A 5 2.47 -0.70 26.25
CA ASP A 5 2.16 0.49 25.46
C ASP A 5 1.29 0.10 24.27
N PRO A 6 0.43 1.00 23.80
CA PRO A 6 -0.45 0.66 22.67
C PRO A 6 0.33 0.59 21.36
N ILE A 7 -0.20 -0.20 20.43
CA ILE A 7 0.39 -0.31 19.10
C ILE A 7 -0.12 0.83 18.25
N ASP A 8 0.78 1.44 17.48
CA ASP A 8 0.44 2.58 16.62
C ASP A 8 1.16 2.40 15.29
N ILE A 9 0.42 1.98 14.27
CA ILE A 9 0.93 1.87 12.91
C ILE A 9 0.25 2.85 11.97
N SER A 10 -0.37 3.90 12.52
CA SER A 10 -1.12 4.85 11.72
C SER A 10 -0.23 5.64 10.77
N VAL A 12 2.86 3.63 8.74
CA VAL A 12 2.68 2.80 7.56
C VAL A 12 1.28 2.95 6.95
N LEU A 13 0.25 3.13 7.78
CA LEU A 13 -1.10 3.18 7.24
C LEU A 13 -1.32 4.44 6.40
N ASN A 14 -0.79 5.57 6.86
CA ASN A 14 -1.00 6.84 6.16
C ASN A 14 -0.07 7.00 4.96
N ILE A 16 0.57 3.66 3.05
CA ILE A 16 -0.43 3.03 2.17
C ILE A 16 -1.39 4.04 1.57
N LYS A 17 -1.98 4.88 2.42
CA LYS A 17 -3.03 5.79 1.98
C LYS A 17 -2.52 6.81 0.96
N ASP A 19 0.78 5.95 -1.25
CA ASP A 19 0.80 5.05 -2.40
C ASP A 19 -0.55 4.99 -3.13
N LEU A 20 -1.63 4.93 -2.36
CA LEU A 20 -2.95 4.74 -2.97
C LEU A 20 -3.41 6.00 -3.69
N GLU A 21 -3.36 7.15 -3.01
CA GLU A 21 -3.81 8.41 -3.61
C GLU A 21 -2.92 8.80 -4.78
N SER A 23 -1.36 6.07 -7.01
CA SER A 23 -2.14 5.22 -7.91
C SER A 23 -3.35 5.93 -8.53
N LYS A 24 -4.20 6.51 -7.69
CA LYS A 24 -5.44 7.11 -8.19
C LYS A 24 -5.15 8.35 -9.05
N TRP A 26 -1.92 8.62 -11.37
CA TRP A 26 -1.72 7.88 -12.62
C TRP A 26 -2.98 7.33 -13.31
N ILE A 27 -3.98 6.90 -12.53
CA ILE A 27 -5.18 6.37 -13.15
C ILE A 27 -5.95 7.48 -13.87
N ARG A 28 -6.10 8.64 -13.23
CA ARG A 28 -6.83 9.74 -13.83
C ARG A 28 -6.07 10.34 -15.00
N SER A 30 -3.71 8.03 -17.17
CA SER A 30 -4.16 7.13 -18.23
C SER A 30 -5.50 7.55 -18.85
N ASN A 31 -6.52 7.69 -18.02
CA ASN A 31 -7.87 7.94 -18.51
C ASN A 31 -8.00 9.29 -19.22
N LYS A 33 -4.96 10.60 -21.21
CA LYS A 33 -4.52 10.10 -22.51
C LYS A 33 -5.60 9.34 -23.28
N LEU A 34 -6.52 8.69 -22.58
CA LEU A 34 -7.61 8.00 -23.28
C LEU A 34 -8.66 8.99 -23.78
N ASP A 35 -8.97 10.02 -23.00
CA ASP A 35 -9.96 11.01 -23.39
C ASP A 35 -9.42 11.93 -24.48
N ILE A 37 -7.11 10.48 -27.17
CA ILE A 37 -7.47 9.68 -28.33
C ILE A 37 -8.81 10.14 -28.87
N ARG B 4 0.57 7.26 -36.21
CA ARG B 4 1.73 7.51 -35.36
C ARG B 4 1.32 8.21 -34.07
N SER B 5 0.24 9.00 -34.15
CA SER B 5 -0.22 9.75 -32.98
C SER B 5 -1.06 8.89 -32.05
N ASP B 6 -1.93 8.05 -32.62
CA ASP B 6 -2.80 7.23 -31.77
C ASP B 6 -2.03 6.11 -31.09
N ILE B 7 -1.11 5.47 -31.81
CA ILE B 7 -0.32 4.40 -31.21
C ILE B 7 0.59 4.96 -30.12
N GLU B 8 1.17 6.13 -30.35
CA GLU B 8 1.97 6.78 -29.32
C GLU B 8 1.12 7.04 -28.08
N LYS B 9 -0.09 7.56 -28.26
CA LYS B 9 -0.95 7.88 -27.12
C LYS B 9 -1.36 6.62 -26.38
N LEU B 10 -1.70 5.55 -27.11
CA LEU B 10 -2.07 4.30 -26.45
C LEU B 10 -0.90 3.74 -25.64
N LYS B 11 0.31 3.77 -26.22
CA LYS B 11 1.49 3.30 -25.49
C LYS B 11 1.69 4.09 -24.22
N GLU B 12 1.51 5.41 -24.27
CA GLU B 12 1.66 6.23 -23.07
C GLU B 12 0.55 5.97 -22.07
N ALA B 13 -0.65 5.64 -22.54
CA ALA B 13 -1.73 5.30 -21.63
C ALA B 13 -1.43 4.02 -20.87
N ILE B 14 -0.88 3.01 -21.56
CA ILE B 14 -0.51 1.76 -20.88
C ILE B 14 0.62 2.02 -19.89
N ARG B 15 1.54 2.93 -20.24
CA ARG B 15 2.63 3.25 -19.32
C ARG B 15 2.09 3.85 -18.03
N ASP B 16 1.10 4.73 -18.13
CA ASP B 16 0.51 5.32 -16.93
C ASP B 16 -0.23 4.27 -16.11
N THR B 17 -0.93 3.35 -16.78
CA THR B 17 -1.63 2.30 -16.06
C THR B 17 -0.64 1.43 -15.29
N ASN B 18 0.50 1.10 -15.90
CA ASN B 18 1.50 0.31 -15.21
C ASN B 18 2.04 1.04 -13.99
N LYS B 19 2.25 2.35 -14.11
CA LYS B 19 2.68 3.12 -12.95
C LYS B 19 1.63 3.09 -11.85
N ALA B 20 0.35 3.07 -12.20
CA ALA B 20 -0.70 2.94 -11.20
C ALA B 20 -0.63 1.58 -10.51
N VAL B 21 -0.35 0.52 -11.28
CA VAL B 21 -0.22 -0.81 -10.70
C VAL B 21 1.00 -0.87 -9.79
N GLN B 22 2.09 -0.20 -10.18
CA GLN B 22 3.29 -0.19 -9.35
C GLN B 22 3.02 0.47 -8.01
N SER B 23 2.26 1.57 -7.99
CA SER B 23 1.90 2.19 -6.73
C SER B 23 1.02 1.27 -5.90
N VAL B 24 0.13 0.52 -6.56
CA VAL B 24 -0.67 -0.48 -5.86
C VAL B 24 0.21 -1.55 -5.25
N GLN B 25 1.22 -2.00 -6.01
CA GLN B 25 2.16 -3.00 -5.50
C GLN B 25 2.87 -2.49 -4.26
N SER B 26 3.21 -1.19 -4.24
CA SER B 26 3.83 -0.62 -3.05
C SER B 26 2.84 -0.58 -1.88
N SER B 27 1.57 -0.33 -2.16
CA SER B 27 0.56 -0.37 -1.11
C SER B 27 0.48 -1.75 -0.48
N ILE B 28 0.51 -2.80 -1.29
CA ILE B 28 0.40 -4.15 -0.76
C ILE B 28 1.62 -4.49 0.07
N GLY B 29 2.80 -4.06 -0.36
CA GLY B 29 4.00 -4.30 0.42
C GLY B 29 3.91 -3.69 1.81
N ASN B 30 3.39 -2.48 1.90
CA ASN B 30 3.22 -1.84 3.20
C ASN B 30 2.11 -2.51 4.00
N LEU B 31 1.08 -3.03 3.33
CA LEU B 31 0.05 -3.78 4.04
C LEU B 31 0.64 -5.01 4.72
N ILE B 32 1.60 -5.67 4.07
CA ILE B 32 2.27 -6.80 4.70
C ILE B 32 2.97 -6.35 5.98
N VAL B 33 3.63 -5.19 5.93
CA VAL B 33 4.36 -4.71 7.10
C VAL B 33 3.38 -4.41 8.24
N ALA B 34 2.23 -3.83 7.91
CA ALA B 34 1.25 -3.49 8.93
C ALA B 34 0.70 -4.74 9.61
N ILE B 35 0.33 -5.75 8.82
CA ILE B 35 -0.20 -6.98 9.39
C ILE B 35 0.86 -7.68 10.22
N LYS B 36 2.10 -7.74 9.72
CA LYS B 36 3.18 -8.35 10.48
C LYS B 36 3.41 -7.61 11.80
N SER B 37 3.26 -6.29 11.78
CA SER B 37 3.44 -5.51 13.01
C SER B 37 2.38 -5.88 14.04
N VAL B 38 1.16 -6.13 13.61
CA VAL B 38 0.11 -6.51 14.53
C VAL B 38 0.38 -7.90 15.11
N GLN B 39 0.85 -8.82 14.27
CA GLN B 39 1.16 -10.17 14.75
C GLN B 39 2.22 -10.13 15.84
N ASP B 40 3.34 -9.44 15.59
CA ASP B 40 4.41 -9.39 16.57
C ASP B 40 3.95 -8.75 17.86
N TYR B 41 3.09 -7.73 17.78
CA TYR B 41 2.61 -7.08 18.98
C TYR B 41 1.76 -8.03 19.82
N VAL B 42 0.94 -8.87 19.17
CA VAL B 42 0.10 -9.80 19.91
C VAL B 42 0.96 -10.90 20.53
N ASN B 43 1.92 -11.43 19.77
CA ASN B 43 2.72 -12.56 20.25
C ASN B 43 3.74 -12.15 21.30
N LYS B 44 4.30 -10.94 21.18
CA LYS B 44 5.40 -10.55 22.03
C LYS B 44 4.99 -9.65 23.19
N GLU B 45 3.84 -8.98 23.11
CA GLU B 45 3.39 -8.07 24.16
C GLU B 45 2.09 -8.54 24.81
N ILE B 46 1.10 -8.92 24.02
CA ILE B 46 -0.20 -9.29 24.58
C ILE B 46 -0.13 -10.67 25.22
N VAL B 47 0.31 -11.68 24.45
CA VAL B 47 0.30 -13.05 24.97
C VAL B 47 1.14 -13.18 26.24
N PRO B 48 2.36 -12.66 26.31
CA PRO B 48 3.11 -12.76 27.57
C PRO B 48 2.47 -12.01 28.71
N SER B 49 1.76 -10.91 28.42
CA SER B 49 1.10 -10.17 29.49
C SER B 49 -0.07 -10.95 30.09
N ILE B 50 -0.72 -11.79 29.28
CA ILE B 50 -1.81 -12.60 29.78
C ILE B 50 -1.28 -13.80 30.57
N ALA B 51 -0.17 -14.38 30.13
CA ALA B 51 0.40 -15.54 30.79
C ALA B 51 1.11 -15.19 32.10
N ARG B 52 1.37 -13.92 32.36
CA ARG B 52 2.02 -13.51 33.60
C ARG B 52 1.01 -13.08 34.66
#